data_2QE6
#
_entry.id   2QE6
#
_cell.length_a   102.627
_cell.length_b   76.024
_cell.length_c   81.315
_cell.angle_alpha   90.000
_cell.angle_beta   90.000
_cell.angle_gamma   90.000
#
_symmetry.space_group_name_H-M   'P 21 21 2'
#
loop_
_entity.id
_entity.type
_entity.pdbx_description
1 polymer 'Uncharacterized protein Tfu_2867'
2 non-polymer 'SULFATE ION'
3 non-polymer S-ADENOSYLMETHIONINE
4 non-polymer (4S)-2-METHYL-2,4-PENTANEDIOL
5 water water
#
_entity_poly.entity_id   1
_entity_poly.type   'polypeptide(L)'
_entity_poly.pdbx_seq_one_letter_code
;G(MSE)SDEQHDSVWPPPGLDFSKPTIARVYDALLGGKDNFEADRALADYACK(NEP)IPGLKESAIENRKVLVRGVRFL
AGEAGISQFLDLGSGLPTVQNTHEVAQSVNPDARVVYVDIDP(MSE)VLTHGRALLAKDPNTAVFTADVRDPEYILNHPD
VRR(MSE)IDFSRPAAI(MSE)LVG(MSE)LHYLSPDVVDRVVGAYRDALAPGSYLF(MSE)TSLVDTGLPAQQKLARIT
RENLGEGWARTPEEIERQFGDFELVEPGVVYTALWRPDEPVDPDNLSPGEQLG(MSE)AGIGRKKA
;
_entity_poly.pdbx_strand_id   A,B
#
loop_
_chem_comp.id
_chem_comp.type
_chem_comp.name
_chem_comp.formula
MPD non-polymer (4S)-2-METHYL-2,4-PENTANEDIOL 'C6 H14 O2'
SAM non-polymer S-ADENOSYLMETHIONINE 'C15 H22 N6 O5 S'
SO4 non-polymer 'SULFATE ION' 'O4 S -2'
#
# COMPACT_ATOMS: atom_id res chain seq x y z
N SER A 9 18.73 3.83 -1.72
CA SER A 9 18.18 4.43 -2.99
C SER A 9 17.07 5.44 -2.72
N VAL A 10 17.17 6.63 -3.31
CA VAL A 10 16.21 7.71 -3.02
C VAL A 10 15.02 7.77 -4.02
N TRP A 11 15.19 7.27 -5.27
CA TRP A 11 14.11 7.28 -6.29
C TRP A 11 14.27 6.22 -7.39
N PRO A 12 13.19 5.53 -7.79
CA PRO A 12 11.84 5.52 -7.24
C PRO A 12 11.86 5.01 -5.81
N PRO A 13 10.81 5.31 -5.02
CA PRO A 13 10.93 5.02 -3.58
C PRO A 13 10.95 3.50 -3.36
N PRO A 14 12.01 2.99 -2.72
CA PRO A 14 12.16 1.53 -2.54
C PRO A 14 10.97 0.88 -1.81
N GLY A 15 10.32 1.62 -0.91
CA GLY A 15 9.11 1.12 -0.22
C GLY A 15 7.92 0.79 -1.14
N LEU A 16 7.96 1.23 -2.40
CA LEU A 16 6.88 0.97 -3.38
C LEU A 16 7.21 -0.20 -4.31
N ASP A 17 8.43 -0.74 -4.21
CA ASP A 17 8.89 -1.88 -5.02
C ASP A 17 8.51 -3.21 -4.35
N PHE A 18 7.46 -3.87 -4.84
CA PHE A 18 7.11 -5.23 -4.39
C PHE A 18 7.51 -6.30 -5.40
N SER A 19 8.47 -5.96 -6.26
CA SER A 19 8.90 -6.82 -7.36
C SER A 19 7.69 -7.26 -8.19
N LYS A 20 6.75 -6.34 -8.38
CA LYS A 20 5.52 -6.59 -9.16
C LYS A 20 5.39 -5.38 -10.10
N PRO A 21 5.11 -5.62 -11.40
CA PRO A 21 4.93 -4.43 -12.24
C PRO A 21 3.63 -3.71 -11.96
N THR A 22 3.55 -2.43 -12.28
CA THR A 22 2.26 -1.71 -12.30
C THR A 22 2.05 -1.11 -13.68
N ILE A 23 0.79 -0.79 -13.99
CA ILE A 23 0.42 -0.18 -15.27
C ILE A 23 1.13 1.13 -15.49
N ALA A 24 1.08 2.01 -14.50
CA ALA A 24 1.72 3.31 -14.66
C ALA A 24 3.21 3.20 -14.95
N ARG A 25 3.90 2.34 -14.21
CA ARG A 25 5.34 2.18 -14.32
C ARG A 25 5.79 1.52 -15.58
N VAL A 26 5.06 0.52 -16.05
CA VAL A 26 5.36 -0.05 -17.33
C VAL A 26 5.21 0.92 -18.52
N TYR A 27 4.14 1.70 -18.51
CA TYR A 27 3.90 2.73 -19.53
C TYR A 27 5.00 3.76 -19.43
N ASP A 28 5.38 4.13 -18.21
CA ASP A 28 6.50 5.05 -18.02
C ASP A 28 7.81 4.49 -18.66
N ALA A 29 8.09 3.22 -18.40
CA ALA A 29 9.22 2.52 -18.99
C ALA A 29 9.12 2.56 -20.54
N LEU A 30 7.95 2.28 -21.10
CA LEU A 30 7.75 2.37 -22.56
C LEU A 30 8.11 3.74 -23.13
N LEU A 31 7.77 4.81 -22.40
CA LEU A 31 8.12 6.19 -22.77
C LEU A 31 9.54 6.63 -22.45
N GLY A 32 10.33 5.77 -21.83
CA GLY A 32 11.68 6.12 -21.44
C GLY A 32 11.80 6.94 -20.16
N GLY A 33 10.79 6.84 -19.29
CA GLY A 33 10.88 7.46 -17.95
C GLY A 33 11.66 6.66 -16.94
N LYS A 34 11.98 7.30 -15.82
CA LYS A 34 12.73 6.69 -14.71
C LYS A 34 11.86 6.26 -13.50
N ASP A 35 10.55 6.47 -13.57
CA ASP A 35 9.65 6.08 -12.51
C ASP A 35 9.21 4.65 -12.74
N ASN A 36 10.09 3.71 -12.47
CA ASN A 36 9.78 2.30 -12.73
C ASN A 36 10.83 1.44 -12.02
N PHE A 37 10.53 0.18 -11.81
CA PHE A 37 11.51 -0.74 -11.24
C PHE A 37 11.81 -1.85 -12.26
N GLU A 38 12.70 -2.76 -11.87
CA GLU A 38 13.17 -3.74 -12.80
C GLU A 38 12.01 -4.59 -13.34
N ALA A 39 11.05 -4.92 -12.48
CA ALA A 39 9.92 -5.76 -12.89
C ALA A 39 9.12 -5.03 -13.94
N ASP A 40 9.06 -3.70 -13.86
CA ASP A 40 8.34 -2.93 -14.87
C ASP A 40 9.08 -2.91 -16.21
N ARG A 41 10.39 -2.62 -16.17
CA ARG A 41 11.20 -2.65 -17.39
C ARG A 41 11.23 -4.08 -18.00
N ALA A 42 11.37 -5.10 -17.16
CA ALA A 42 11.30 -6.48 -17.70
C ALA A 42 9.98 -6.73 -18.46
N LEU A 43 8.86 -6.25 -17.96
CA LEU A 43 7.61 -6.53 -18.66
C LEU A 43 7.49 -5.66 -19.94
N ALA A 44 7.93 -4.41 -19.88
CA ALA A 44 7.92 -3.56 -21.06
C ALA A 44 8.77 -4.22 -22.17
N ASP A 45 9.97 -4.70 -21.83
CA ASP A 45 10.89 -5.37 -22.76
C ASP A 45 10.24 -6.59 -23.38
N TYR A 46 9.67 -7.43 -22.53
CA TYR A 46 8.96 -8.61 -22.98
C TYR A 46 7.80 -8.26 -23.95
N ALA A 47 7.01 -7.28 -23.60
CA ALA A 47 5.88 -6.85 -24.41
C ALA A 47 6.35 -6.34 -25.79
N CYS A 48 7.41 -5.52 -25.80
CA CYS A 48 8.00 -5.00 -27.02
C CYS A 48 8.55 -6.11 -27.92
N LYS A 49 9.07 -7.17 -27.32
CA LYS A 49 9.59 -8.28 -28.07
C LYS A 49 8.45 -8.99 -28.81
N NEP A 50 7.24 -8.97 -28.28
CA NEP A 50 6.11 -9.72 -28.85
C NEP A 50 5.16 -8.84 -29.63
O NEP A 50 4.36 -9.35 -30.40
CB NEP A 50 5.33 -10.48 -27.76
CG NEP A 50 6.15 -11.59 -27.16
ND1 NEP A 50 6.97 -11.42 -26.10
CD2 NEP A 50 6.28 -12.92 -27.58
CE1 NEP A 50 7.62 -12.57 -25.85
NE2 NEP A 50 7.18 -13.47 -26.74
P NEP A 50 7.78 -15.17 -26.76
O1P NEP A 50 8.07 -15.52 -28.19
O2P NEP A 50 9.11 -15.17 -25.95
O3P NEP A 50 6.71 -16.10 -26.12
N ILE A 51 5.23 -7.51 -29.42
CA ILE A 51 4.21 -6.61 -29.91
C ILE A 51 4.88 -5.49 -30.70
N PRO A 52 4.94 -5.65 -32.04
CA PRO A 52 5.62 -4.62 -32.81
C PRO A 52 5.00 -3.24 -32.69
N GLY A 53 5.87 -2.26 -32.55
CA GLY A 53 5.37 -0.91 -32.43
C GLY A 53 4.83 -0.48 -31.09
N LEU A 54 5.00 -1.32 -30.07
CA LEU A 54 4.43 -0.99 -28.75
C LEU A 54 4.89 0.39 -28.23
N LYS A 55 6.18 0.63 -28.17
CA LYS A 55 6.67 1.91 -27.68
C LYS A 55 6.15 3.06 -28.55
N GLU A 56 6.13 2.88 -29.87
CA GLU A 56 5.62 3.94 -30.75
C GLU A 56 4.13 4.23 -30.50
N SER A 57 3.35 3.20 -30.20
CA SER A 57 1.96 3.35 -29.83
C SER A 57 1.78 4.23 -28.58
N ALA A 58 2.64 4.09 -27.60
CA ALA A 58 2.62 4.90 -26.40
C ALA A 58 2.97 6.31 -26.75
N ILE A 59 4.02 6.49 -27.56
CA ILE A 59 4.37 7.84 -28.03
C ILE A 59 3.18 8.52 -28.73
N GLU A 60 2.54 7.82 -29.64
CA GLU A 60 1.40 8.38 -30.36
C GLU A 60 0.25 8.71 -29.41
N ASN A 61 0.09 7.94 -28.35
CA ASN A 61 -0.95 8.21 -27.35
C ASN A 61 -0.65 9.49 -26.59
N ARG A 62 0.61 9.68 -26.21
CA ARG A 62 1.00 10.96 -25.60
C ARG A 62 0.83 12.13 -26.55
N LYS A 63 1.21 11.99 -27.80
CA LYS A 63 1.01 13.04 -28.79
C LYS A 63 -0.48 13.37 -29.00
N VAL A 64 -1.38 12.38 -29.04
CA VAL A 64 -2.80 12.71 -29.18
C VAL A 64 -3.37 13.33 -27.91
N LEU A 65 -2.83 12.96 -26.75
CA LEU A 65 -3.21 13.58 -25.50
C LEU A 65 -2.95 15.08 -25.61
N VAL A 66 -1.77 15.44 -26.07
CA VAL A 66 -1.40 16.85 -26.20
C VAL A 66 -2.31 17.60 -27.20
N ARG A 67 -2.47 17.04 -28.39
CA ARG A 67 -3.36 17.61 -29.39
C ARG A 67 -4.80 17.76 -28.90
N GLY A 68 -5.29 16.75 -28.17
CA GLY A 68 -6.66 16.78 -27.67
C GLY A 68 -6.85 17.79 -26.54
N VAL A 69 -5.91 17.85 -25.62
CA VAL A 69 -6.01 18.80 -24.53
C VAL A 69 -5.89 20.21 -25.09
N ARG A 70 -5.02 20.43 -26.07
CA ARG A 70 -4.89 21.72 -26.73
CA ARG A 70 -4.89 21.73 -26.72
C ARG A 70 -6.20 22.13 -27.41
N PHE A 71 -6.87 21.17 -28.07
CA PHE A 71 -8.19 21.43 -28.67
C PHE A 71 -9.19 21.85 -27.58
N LEU A 72 -9.23 21.09 -26.51
CA LEU A 72 -10.21 21.30 -25.44
C LEU A 72 -10.03 22.62 -24.72
N ALA A 73 -8.77 22.93 -24.36
CA ALA A 73 -8.48 24.10 -23.51
C ALA A 73 -8.46 25.41 -24.30
N GLY A 74 -8.18 25.32 -25.60
CA GLY A 74 -8.12 26.47 -26.47
C GLY A 74 -9.42 26.66 -27.20
N GLU A 75 -9.55 25.96 -28.32
CA GLU A 75 -10.69 26.03 -29.20
C GLU A 75 -12.05 25.74 -28.54
N ALA A 76 -12.16 24.63 -27.82
CA ALA A 76 -13.41 24.29 -27.12
C ALA A 76 -13.66 25.15 -25.86
N GLY A 77 -12.65 25.89 -25.42
CA GLY A 77 -12.81 26.81 -24.30
C GLY A 77 -13.02 26.21 -22.92
N ILE A 78 -12.54 24.97 -22.71
CA ILE A 78 -12.77 24.25 -21.43
C ILE A 78 -11.70 24.64 -20.40
N SER A 79 -12.11 24.96 -19.17
CA SER A 79 -11.19 25.38 -18.13
C SER A 79 -11.06 24.40 -16.97
N GLN A 80 -11.69 23.21 -17.08
CA GLN A 80 -11.80 22.25 -15.99
C GLN A 80 -11.59 20.88 -16.55
N PHE A 81 -10.56 20.16 -16.08
CA PHE A 81 -10.26 18.81 -16.58
C PHE A 81 -10.16 17.84 -15.41
N LEU A 82 -10.71 16.65 -15.61
CA LEU A 82 -10.55 15.52 -14.70
C LEU A 82 -9.85 14.40 -15.47
N ASP A 83 -8.62 14.14 -15.10
CA ASP A 83 -7.75 13.27 -15.88
C ASP A 83 -7.63 11.95 -15.12
N LEU A 84 -8.44 10.98 -15.56
CA LEU A 84 -8.58 9.71 -14.89
C LEU A 84 -7.59 8.67 -15.40
N GLY A 85 -6.81 8.09 -14.50
CA GLY A 85 -5.74 7.20 -14.89
C GLY A 85 -4.64 8.03 -15.49
N SER A 86 -4.21 9.07 -14.79
CA SER A 86 -3.33 10.08 -15.38
C SER A 86 -1.96 9.56 -15.81
N GLY A 87 -1.48 8.52 -15.10
CA GLY A 87 -0.11 8.04 -15.24
C GLY A 87 0.95 8.91 -14.59
N LEU A 88 2.20 8.46 -14.72
CA LEU A 88 3.36 9.20 -14.14
C LEU A 88 3.79 10.33 -15.08
N PRO A 89 4.54 11.30 -14.59
CA PRO A 89 4.71 12.48 -15.42
C PRO A 89 5.65 12.29 -16.64
N THR A 90 5.35 13.04 -17.71
CA THR A 90 6.13 13.02 -18.94
C THR A 90 6.65 14.42 -19.11
N VAL A 91 7.32 14.67 -20.23
CA VAL A 91 7.83 16.02 -20.50
C VAL A 91 6.71 17.01 -20.96
N GLN A 92 5.50 16.51 -21.29
CA GLN A 92 4.32 17.36 -21.58
C GLN A 92 3.05 16.79 -20.96
N ASN A 93 2.69 17.29 -19.77
CA ASN A 93 1.54 16.76 -19.06
C ASN A 93 0.32 17.62 -19.35
N THR A 94 -0.84 17.05 -19.04
CA THR A 94 -2.16 17.71 -19.27
C THR A 94 -2.23 19.15 -18.83
N HIS A 95 -1.88 19.43 -17.58
CA HIS A 95 -2.00 20.79 -17.06
C HIS A 95 -1.06 21.80 -17.75
N GLU A 96 0.07 21.28 -18.21
CA GLU A 96 1.05 22.07 -18.94
C GLU A 96 0.50 22.44 -20.31
N VAL A 97 -0.04 21.46 -21.02
CA VAL A 97 -0.72 21.75 -22.27
C VAL A 97 -1.90 22.72 -22.04
N ALA A 98 -2.76 22.41 -21.07
CA ALA A 98 -3.96 23.23 -20.82
C ALA A 98 -3.56 24.65 -20.50
N GLN A 99 -2.56 24.82 -19.63
CA GLN A 99 -2.17 26.18 -19.21
C GLN A 99 -1.44 26.96 -20.31
N SER A 100 -0.83 26.26 -21.27
CA SER A 100 -0.17 26.92 -22.43
C SER A 100 -1.17 27.65 -23.31
N VAL A 101 -2.40 27.14 -23.43
CA VAL A 101 -3.43 27.78 -24.23
C VAL A 101 -4.44 28.56 -23.38
N ASN A 102 -4.52 28.27 -22.08
CA ASN A 102 -5.59 28.80 -21.22
C ASN A 102 -5.04 28.89 -19.81
N PRO A 103 -4.42 30.03 -19.47
CA PRO A 103 -3.70 30.16 -18.18
C PRO A 103 -4.53 29.82 -16.93
N ASP A 104 -5.86 29.98 -17.02
CA ASP A 104 -6.79 29.70 -15.90
C ASP A 104 -7.25 28.24 -15.77
N ALA A 105 -6.80 27.38 -16.66
CA ALA A 105 -7.29 26.00 -16.72
C ALA A 105 -6.97 25.30 -15.40
N ARG A 106 -7.86 24.38 -14.99
CA ARG A 106 -7.73 23.63 -13.74
C ARG A 106 -7.78 22.15 -14.04
N VAL A 107 -6.82 21.41 -13.50
CA VAL A 107 -6.72 19.97 -13.80
C VAL A 107 -6.58 19.20 -12.49
N VAL A 108 -7.36 18.13 -12.38
CA VAL A 108 -7.30 17.23 -11.25
C VAL A 108 -6.91 15.87 -11.82
N TYR A 109 -5.75 15.36 -11.40
CA TYR A 109 -5.29 14.06 -11.84
C TYR A 109 -5.65 12.97 -10.84
N VAL A 110 -5.97 11.79 -11.34
CA VAL A 110 -6.34 10.66 -10.48
C VAL A 110 -5.62 9.44 -11.01
N ASP A 111 -4.92 8.72 -10.13
CA ASP A 111 -4.29 7.47 -10.50
C ASP A 111 -4.31 6.52 -9.31
N ILE A 112 -4.34 5.24 -9.61
CA ILE A 112 -4.33 4.19 -8.59
CA ILE A 112 -4.35 4.18 -8.59
C ILE A 112 -2.92 3.89 -8.05
N ASP A 113 -1.90 4.10 -8.86
CA ASP A 113 -0.51 3.91 -8.45
C ASP A 113 -0.12 5.02 -7.51
N PRO A 114 0.21 4.71 -6.25
CA PRO A 114 0.69 5.72 -5.31
C PRO A 114 1.94 6.47 -5.74
N MSE A 115 2.75 5.90 -6.63
CA MSE A 115 3.89 6.62 -7.14
C MSE A 115 3.51 7.92 -7.88
O MSE A 115 4.29 8.87 -7.88
CB MSE A 115 4.80 5.77 -8.05
CG MSE A 115 6.19 6.40 -8.20
SE MSE A 115 7.26 5.33 -9.39
CE MSE A 115 7.60 3.91 -8.11
N VAL A 116 2.34 7.95 -8.49
CA VAL A 116 1.84 9.15 -9.22
C VAL A 116 1.63 10.29 -8.22
N LEU A 117 0.95 9.97 -7.13
CA LEU A 117 0.81 10.97 -6.04
C LEU A 117 2.15 11.36 -5.45
N THR A 118 3.02 10.37 -5.22
CA THR A 118 4.29 10.68 -4.59
C THR A 118 5.16 11.59 -5.45
N HIS A 119 5.22 11.36 -6.75
CA HIS A 119 6.03 12.18 -7.63
C HIS A 119 5.39 13.56 -7.79
N GLY A 120 4.07 13.53 -7.99
CA GLY A 120 3.28 14.69 -8.38
C GLY A 120 3.10 15.72 -7.30
N ARG A 121 2.93 15.25 -6.05
CA ARG A 121 2.58 16.08 -4.91
C ARG A 121 3.66 17.13 -4.82
N ALA A 122 4.90 16.66 -4.94
CA ALA A 122 6.10 17.47 -5.15
C ALA A 122 5.87 18.52 -6.25
N LEU A 123 5.72 18.06 -7.48
CA LEU A 123 5.58 18.95 -8.66
C LEU A 123 4.37 19.96 -8.57
N LEU A 124 3.30 19.64 -7.82
CA LEU A 124 2.02 20.41 -7.90
C LEU A 124 1.52 21.13 -6.65
N ALA A 125 2.31 21.13 -5.57
CA ALA A 125 1.94 21.94 -4.38
C ALA A 125 2.11 23.44 -4.69
N LYS A 126 3.00 23.76 -5.63
CA LYS A 126 3.24 25.13 -6.12
C LYS A 126 2.15 25.65 -7.12
N ASP A 127 1.26 24.77 -7.59
CA ASP A 127 0.23 25.14 -8.55
C ASP A 127 -1.16 25.06 -7.93
N PRO A 128 -1.80 26.23 -7.71
CA PRO A 128 -3.09 26.18 -7.06
C PRO A 128 -4.19 25.64 -7.97
N ASN A 129 -3.94 25.58 -9.28
CA ASN A 129 -4.96 25.09 -10.24
C ASN A 129 -4.78 23.68 -10.67
N THR A 130 -3.90 22.95 -9.99
CA THR A 130 -3.64 21.57 -10.39
C THR A 130 -3.53 20.73 -9.12
N ALA A 131 -4.19 19.59 -9.09
CA ALA A 131 -4.22 18.73 -7.92
C ALA A 131 -4.09 17.29 -8.39
N VAL A 132 -3.63 16.41 -7.51
CA VAL A 132 -3.44 14.99 -7.81
C VAL A 132 -3.91 14.15 -6.62
N PHE A 133 -4.54 13.02 -6.88
CA PHE A 133 -4.82 12.08 -5.80
C PHE A 133 -4.93 10.65 -6.26
N THR A 134 -4.79 9.74 -5.29
CA THR A 134 -4.85 8.29 -5.57
C THR A 134 -6.30 7.83 -5.41
N ALA A 135 -6.82 7.11 -6.40
CA ALA A 135 -8.14 6.56 -6.27
C ALA A 135 -8.33 5.57 -7.40
N ASP A 136 -9.37 4.77 -7.26
CA ASP A 136 -9.74 3.81 -8.30
C ASP A 136 -10.90 4.35 -9.13
N VAL A 137 -10.62 4.57 -10.41
CA VAL A 137 -11.57 5.10 -11.42
C VAL A 137 -12.86 4.31 -11.56
N ARG A 138 -12.82 3.04 -11.14
CA ARG A 138 -14.02 2.21 -11.14
C ARG A 138 -14.99 2.55 -10.02
N ASP A 139 -14.62 3.51 -9.17
CA ASP A 139 -15.50 4.04 -8.14
C ASP A 139 -15.79 5.54 -8.37
N PRO A 140 -16.63 5.87 -9.38
CA PRO A 140 -16.95 7.24 -9.77
C PRO A 140 -17.50 8.08 -8.62
N GLU A 141 -18.33 7.45 -7.78
CA GLU A 141 -18.91 8.10 -6.61
C GLU A 141 -17.83 8.64 -5.70
N TYR A 142 -16.82 7.84 -5.41
CA TYR A 142 -15.72 8.32 -4.57
C TYR A 142 -14.95 9.46 -5.28
N ILE A 143 -14.62 9.30 -6.55
CA ILE A 143 -13.81 10.31 -7.24
C ILE A 143 -14.57 11.64 -7.36
N LEU A 144 -15.83 11.57 -7.79
CA LEU A 144 -16.59 12.78 -8.06
C LEU A 144 -16.93 13.57 -6.80
N ASN A 145 -16.78 12.94 -5.64
CA ASN A 145 -17.07 13.60 -4.37
C ASN A 145 -15.82 13.94 -3.54
N HIS A 146 -14.64 13.63 -4.09
CA HIS A 146 -13.36 13.89 -3.44
C HIS A 146 -13.17 15.41 -3.25
N PRO A 147 -12.62 15.84 -2.07
CA PRO A 147 -12.37 17.26 -1.83
C PRO A 147 -11.57 17.99 -2.91
N ASP A 148 -10.65 17.29 -3.57
CA ASP A 148 -9.84 17.91 -4.64
C ASP A 148 -10.74 18.16 -5.82
N VAL A 149 -11.62 17.19 -6.13
CA VAL A 149 -12.63 17.38 -7.18
C VAL A 149 -13.61 18.49 -6.84
N ARG A 150 -14.19 18.44 -5.64
CA ARG A 150 -15.22 19.41 -5.27
C ARG A 150 -14.70 20.83 -5.16
N ARG A 151 -13.45 21.00 -4.73
CA ARG A 151 -12.88 22.33 -4.66
C ARG A 151 -12.30 22.85 -5.99
N MSE A 152 -12.11 21.97 -6.97
CA MSE A 152 -11.47 22.34 -8.25
C MSE A 152 -12.42 22.39 -9.44
O MSE A 152 -12.22 23.20 -10.33
CB MSE A 152 -10.38 21.33 -8.61
CG MSE A 152 -9.19 21.37 -7.68
SE MSE A 152 -8.03 22.81 -8.17
CE MSE A 152 -6.47 21.71 -7.87
N ILE A 153 -13.40 21.51 -9.47
CA ILE A 153 -14.29 21.40 -10.61
C ILE A 153 -15.74 21.68 -10.21
N ASP A 154 -16.35 22.63 -10.91
CA ASP A 154 -17.77 22.93 -10.78
C ASP A 154 -18.47 22.22 -11.93
N PHE A 155 -19.15 21.12 -11.63
CA PHE A 155 -19.76 20.31 -12.67
C PHE A 155 -21.05 20.94 -13.23
N SER A 156 -21.48 22.07 -12.70
CA SER A 156 -22.56 22.83 -13.31
C SER A 156 -22.07 23.64 -14.51
N ARG A 157 -20.75 23.69 -14.74
CA ARG A 157 -20.16 24.40 -15.87
C ARG A 157 -19.40 23.38 -16.73
N PRO A 158 -19.25 23.64 -18.05
CA PRO A 158 -18.50 22.69 -18.90
C PRO A 158 -17.17 22.20 -18.32
N ALA A 159 -16.92 20.88 -18.43
CA ALA A 159 -15.64 20.30 -18.09
C ALA A 159 -15.27 19.24 -19.11
N ALA A 160 -14.04 18.76 -19.04
CA ALA A 160 -13.57 17.63 -19.83
C ALA A 160 -13.19 16.50 -18.88
N ILE A 161 -13.77 15.32 -19.06
CA ILE A 161 -13.29 14.11 -18.38
C ILE A 161 -12.48 13.24 -19.36
N MSE A 162 -11.32 12.77 -18.93
CA MSE A 162 -10.39 12.07 -19.81
C MSE A 162 -10.20 10.67 -19.28
O MSE A 162 -10.02 10.48 -18.09
CB MSE A 162 -9.05 12.78 -19.83
CG MSE A 162 -9.10 14.18 -20.36
SE MSE A 162 -7.49 15.19 -19.99
CE MSE A 162 -6.06 14.11 -20.76
N LEU A 163 -10.35 9.69 -20.17
CA LEU A 163 -9.93 8.32 -19.91
C LEU A 163 -8.94 7.93 -21.01
N VAL A 164 -7.93 8.78 -21.18
CA VAL A 164 -6.91 8.62 -22.18
C VAL A 164 -5.97 7.47 -21.69
N GLY A 165 -5.75 6.49 -22.56
CA GLY A 165 -4.97 5.31 -22.23
C GLY A 165 -5.50 4.46 -21.09
N MSE A 166 -6.81 4.55 -20.87
CA MSE A 166 -7.46 4.06 -19.62
C MSE A 166 -8.64 3.12 -19.99
O MSE A 166 -8.95 2.15 -19.25
CB MSE A 166 -7.87 5.35 -18.79
CG MSE A 166 -8.41 5.36 -17.28
SE MSE A 166 -7.69 3.96 -16.23
CE MSE A 166 -9.36 3.03 -15.93
N LEU A 167 -9.29 3.32 -21.14
CA LEU A 167 -10.52 2.55 -21.41
C LEU A 167 -10.27 1.05 -21.43
N HIS A 168 -9.12 0.64 -21.94
CA HIS A 168 -8.83 -0.80 -22.08
C HIS A 168 -8.48 -1.48 -20.73
N TYR A 169 -8.46 -0.71 -19.64
CA TYR A 169 -8.32 -1.31 -18.30
C TYR A 169 -9.67 -1.48 -17.59
N LEU A 170 -10.77 -1.14 -18.28
CA LEU A 170 -12.13 -1.31 -17.73
C LEU A 170 -12.73 -2.55 -18.35
N SER A 171 -13.10 -3.50 -17.51
CA SER A 171 -13.58 -4.78 -18.01
C SER A 171 -14.96 -4.64 -18.56
N PRO A 172 -15.39 -5.61 -19.38
CA PRO A 172 -16.75 -5.66 -19.85
C PRO A 172 -17.81 -5.58 -18.76
N ASP A 173 -17.53 -6.11 -17.58
CA ASP A 173 -18.57 -6.13 -16.54
C ASP A 173 -18.75 -4.80 -15.80
N VAL A 174 -17.77 -3.91 -15.86
CA VAL A 174 -17.88 -2.64 -15.20
C VAL A 174 -17.95 -1.42 -16.15
N VAL A 175 -17.52 -1.57 -17.41
CA VAL A 175 -17.32 -0.40 -18.28
C VAL A 175 -18.57 0.49 -18.46
N ASP A 176 -19.74 -0.13 -18.69
CA ASP A 176 -20.94 0.66 -19.02
C ASP A 176 -21.32 1.58 -17.87
N ARG A 177 -21.37 1.03 -16.66
CA ARG A 177 -21.74 1.80 -15.48
C ARG A 177 -20.66 2.84 -15.15
N VAL A 178 -19.39 2.47 -15.30
CA VAL A 178 -18.30 3.38 -14.91
C VAL A 178 -18.23 4.60 -15.83
N VAL A 179 -18.18 4.37 -17.15
CA VAL A 179 -18.04 5.51 -18.07
C VAL A 179 -19.34 6.31 -18.07
N GLY A 180 -20.48 5.61 -17.99
CA GLY A 180 -21.78 6.28 -17.86
C GLY A 180 -21.89 7.20 -16.66
N ALA A 181 -21.32 6.83 -15.52
CA ALA A 181 -21.36 7.72 -14.35
C ALA A 181 -20.64 9.04 -14.61
N TYR A 182 -19.51 8.99 -15.28
CA TYR A 182 -18.75 10.20 -15.54
C TYR A 182 -19.47 11.06 -16.61
N ARG A 183 -20.05 10.44 -17.65
CA ARG A 183 -20.82 11.19 -18.66
C ARG A 183 -22.00 11.88 -18.03
N ASP A 184 -22.66 11.17 -17.11
CA ASP A 184 -23.85 11.67 -16.43
C ASP A 184 -23.51 12.83 -15.51
N ALA A 185 -22.32 12.86 -14.92
CA ALA A 185 -21.88 13.99 -14.07
C ALA A 185 -21.73 15.33 -14.79
N LEU A 186 -21.49 15.28 -16.07
CA LEU A 186 -21.14 16.47 -16.85
C LEU A 186 -22.32 17.35 -17.26
N ALA A 187 -22.08 18.64 -17.24
CA ALA A 187 -22.98 19.63 -17.80
C ALA A 187 -22.96 19.61 -19.32
N PRO A 188 -24.08 20.03 -19.95
CA PRO A 188 -24.05 20.21 -21.38
C PRO A 188 -22.90 21.11 -21.78
N GLY A 189 -22.22 20.76 -22.86
CA GLY A 189 -21.10 21.56 -23.34
C GLY A 189 -19.78 21.01 -22.86
N SER A 190 -19.86 19.91 -22.12
CA SER A 190 -18.71 19.21 -21.61
C SER A 190 -18.20 18.24 -22.66
N TYR A 191 -17.02 17.68 -22.41
CA TYR A 191 -16.43 16.70 -23.31
C TYR A 191 -15.96 15.47 -22.55
N LEU A 192 -15.96 14.33 -23.26
CA LEU A 192 -15.29 13.10 -22.87
C LEU A 192 -14.21 12.78 -23.90
N PHE A 193 -12.97 12.67 -23.44
CA PHE A 193 -11.78 12.38 -24.28
C PHE A 193 -11.24 11.01 -23.82
N MSE A 194 -11.28 9.99 -24.68
CA MSE A 194 -10.74 8.70 -24.33
C MSE A 194 -9.83 8.16 -25.42
O MSE A 194 -10.00 8.48 -26.61
CB MSE A 194 -11.87 7.68 -24.13
CG MSE A 194 -12.96 8.19 -23.22
SE MSE A 194 -14.12 6.74 -22.61
CE MSE A 194 -15.27 6.51 -24.18
N THR A 195 -8.88 7.30 -25.05
CA THR A 195 -8.15 6.52 -26.04
C THR A 195 -8.17 5.08 -25.55
N SER A 196 -7.92 4.15 -26.44
CA SER A 196 -8.12 2.75 -26.11
C SER A 196 -7.32 1.89 -27.08
N LEU A 197 -6.75 0.81 -26.56
CA LEU A 197 -6.37 -0.31 -27.35
C LEU A 197 -7.56 -0.78 -28.20
N VAL A 198 -7.31 -1.01 -29.49
CA VAL A 198 -8.41 -1.25 -30.46
C VAL A 198 -8.24 -2.64 -31.05
N ASP A 199 -9.35 -3.30 -31.37
CA ASP A 199 -9.35 -4.55 -32.15
C ASP A 199 -9.93 -4.17 -33.51
N THR A 200 -9.07 -4.12 -34.53
CA THR A 200 -9.47 -4.02 -35.90
C THR A 200 -8.99 -5.28 -36.64
N GLY A 201 -8.87 -6.41 -35.93
CA GLY A 201 -8.49 -7.68 -36.54
C GLY A 201 -7.02 -7.80 -36.89
N LEU A 202 -6.17 -7.00 -36.28
CA LEU A 202 -4.72 -7.16 -36.47
C LEU A 202 -4.14 -8.06 -35.32
N PRO A 203 -3.29 -9.03 -35.64
CA PRO A 203 -2.95 -10.08 -34.61
C PRO A 203 -2.40 -9.59 -33.23
N ALA A 204 -1.55 -8.58 -33.32
CA ALA A 204 -0.87 -8.00 -32.17
C ALA A 204 -1.82 -7.38 -31.19
N GLN A 205 -3.03 -7.02 -31.63
CA GLN A 205 -3.93 -6.25 -30.75
C GLN A 205 -4.43 -7.11 -29.59
N GLN A 206 -4.92 -8.30 -29.94
CA GLN A 206 -5.44 -9.24 -28.95
C GLN A 206 -4.30 -9.93 -28.17
N LYS A 207 -3.13 -10.10 -28.78
CA LYS A 207 -1.94 -10.58 -28.08
C LYS A 207 -1.48 -9.55 -27.05
N LEU A 208 -1.50 -8.28 -27.41
CA LEU A 208 -1.17 -7.22 -26.45
C LEU A 208 -2.18 -7.16 -25.27
N ALA A 209 -3.46 -7.19 -25.58
CA ALA A 209 -4.51 -7.32 -24.56
C ALA A 209 -4.28 -8.51 -23.61
N ARG A 210 -3.95 -9.70 -24.14
CA ARG A 210 -3.66 -10.87 -23.32
C ARG A 210 -2.46 -10.63 -22.41
N ILE A 211 -1.35 -10.18 -22.96
CA ILE A 211 -0.19 -9.93 -22.13
C ILE A 211 -0.54 -8.97 -21.02
N THR A 212 -1.32 -7.94 -21.32
CA THR A 212 -1.65 -6.91 -20.32
C THR A 212 -2.59 -7.54 -19.26
N ARG A 213 -3.60 -8.25 -19.72
CA ARG A 213 -4.52 -8.94 -18.78
C ARG A 213 -3.75 -9.85 -17.84
N GLU A 214 -2.90 -10.70 -18.40
CA GLU A 214 -2.23 -11.73 -17.61
C GLU A 214 -1.22 -11.14 -16.64
N ASN A 215 -0.55 -10.09 -17.05
CA ASN A 215 0.57 -9.54 -16.26
C ASN A 215 0.20 -8.36 -15.40
N LEU A 216 -0.85 -7.64 -15.78
CA LEU A 216 -1.26 -6.42 -15.10
C LEU A 216 -2.74 -6.44 -14.60
N GLY A 217 -3.51 -7.50 -14.87
CA GLY A 217 -4.81 -7.69 -14.23
C GLY A 217 -6.01 -7.39 -15.11
N GLU A 218 -5.85 -6.45 -16.04
CA GLU A 218 -6.92 -5.99 -16.92
C GLU A 218 -6.31 -5.67 -18.28
N GLY A 219 -7.07 -5.88 -19.36
CA GLY A 219 -6.58 -5.50 -20.72
C GLY A 219 -7.54 -5.94 -21.80
N TRP A 220 -8.26 -4.98 -22.38
CA TRP A 220 -9.45 -5.31 -23.19
C TRP A 220 -9.36 -4.50 -24.48
N ALA A 221 -9.07 -5.15 -25.59
CA ALA A 221 -9.04 -4.46 -26.88
C ALA A 221 -10.49 -4.34 -27.40
N ARG A 222 -10.96 -3.13 -27.64
CA ARG A 222 -12.36 -2.93 -28.08
C ARG A 222 -12.39 -2.57 -29.55
N THR A 223 -13.36 -3.09 -30.28
CA THR A 223 -13.56 -2.66 -31.66
C THR A 223 -13.83 -1.16 -31.76
N PRO A 224 -13.64 -0.55 -32.93
CA PRO A 224 -14.02 0.87 -33.08
C PRO A 224 -15.45 1.18 -32.66
N GLU A 225 -16.38 0.29 -32.97
CA GLU A 225 -17.78 0.51 -32.64
C GLU A 225 -18.00 0.41 -31.12
N GLU A 226 -17.32 -0.53 -30.47
CA GLU A 226 -17.38 -0.67 -29.00
C GLU A 226 -16.78 0.54 -28.27
N ILE A 227 -15.72 1.11 -28.83
CA ILE A 227 -15.16 2.35 -28.29
C ILE A 227 -16.19 3.48 -28.45
N GLU A 228 -16.70 3.66 -29.66
CA GLU A 228 -17.67 4.73 -29.94
C GLU A 228 -18.86 4.64 -29.02
N ARG A 229 -19.30 3.43 -28.76
CA ARG A 229 -20.44 3.19 -27.90
C ARG A 229 -20.28 3.77 -26.51
N GLN A 230 -19.05 3.82 -26.02
CA GLN A 230 -18.79 4.31 -24.65
C GLN A 230 -18.83 5.83 -24.57
N PHE A 231 -18.99 6.47 -25.72
CA PHE A 231 -19.32 7.89 -25.78
C PHE A 231 -20.83 8.15 -25.60
N GLY A 232 -21.66 7.09 -25.53
CA GLY A 232 -23.11 7.25 -25.27
C GLY A 232 -23.73 8.22 -26.26
N ASP A 233 -24.59 9.11 -25.77
CA ASP A 233 -25.22 10.18 -26.56
C ASP A 233 -24.33 11.34 -26.90
N PHE A 234 -23.10 11.34 -26.47
CA PHE A 234 -22.26 12.50 -26.73
C PHE A 234 -22.04 12.63 -28.26
N GLU A 235 -21.84 13.84 -28.75
CA GLU A 235 -21.63 14.03 -30.18
C GLU A 235 -20.14 14.05 -30.49
N LEU A 236 -19.64 13.07 -31.25
CA LEU A 236 -18.20 12.96 -31.52
C LEU A 236 -17.75 14.14 -32.34
N VAL A 237 -16.65 14.77 -31.94
CA VAL A 237 -16.10 15.85 -32.74
C VAL A 237 -15.28 15.19 -33.86
N GLU A 238 -15.19 15.85 -35.01
CA GLU A 238 -14.40 15.38 -36.13
C GLU A 238 -12.95 15.18 -35.69
N PRO A 239 -12.31 14.10 -36.18
CA PRO A 239 -12.80 13.07 -37.14
C PRO A 239 -13.51 11.82 -36.62
N GLY A 240 -14.04 11.87 -35.39
CA GLY A 240 -14.66 10.68 -34.77
C GLY A 240 -13.65 9.82 -34.02
N VAL A 241 -13.88 8.50 -34.02
CA VAL A 241 -13.01 7.56 -33.36
C VAL A 241 -12.07 6.98 -34.43
N VAL A 242 -10.78 7.31 -34.34
CA VAL A 242 -9.81 6.97 -35.39
C VAL A 242 -8.50 6.58 -34.73
N TYR A 243 -7.62 5.89 -35.48
CA TYR A 243 -6.31 5.54 -34.97
C TYR A 243 -5.67 6.82 -34.38
N THR A 244 -4.97 6.68 -33.26
CA THR A 244 -4.50 7.84 -32.53
C THR A 244 -3.72 8.87 -33.39
N ALA A 245 -2.86 8.44 -34.32
CA ALA A 245 -2.05 9.36 -35.13
C ALA A 245 -2.90 10.16 -36.15
N LEU A 246 -4.12 9.66 -36.42
CA LEU A 246 -5.05 10.26 -37.38
C LEU A 246 -5.98 11.30 -36.73
N TRP A 247 -5.91 11.46 -35.41
CA TRP A 247 -6.81 12.39 -34.73
C TRP A 247 -6.25 13.80 -34.79
N ARG A 248 -6.86 14.64 -35.64
CA ARG A 248 -6.39 16.01 -35.86
C ARG A 248 -4.90 16.15 -35.81
N PRO A 249 -4.20 15.56 -36.78
CA PRO A 249 -2.75 15.59 -36.78
C PRO A 249 -2.21 16.99 -37.02
N ASP A 250 -1.06 17.32 -36.47
CA ASP A 250 -0.46 18.62 -36.73
C ASP A 250 0.90 18.45 -37.42
N GLU A 251 0.93 17.50 -38.34
CA GLU A 251 2.15 16.86 -38.84
C GLU A 251 1.61 15.88 -39.87
N PRO A 252 2.31 15.70 -41.00
CA PRO A 252 1.62 14.99 -42.09
C PRO A 252 1.46 13.50 -41.77
N VAL A 253 0.33 12.93 -42.18
CA VAL A 253 0.02 11.52 -41.87
C VAL A 253 -0.98 10.96 -42.88
N ASP A 254 -0.68 9.74 -43.33
CA ASP A 254 -1.36 9.09 -44.41
C ASP A 254 -2.08 7.85 -43.85
N PRO A 255 -3.40 7.85 -43.86
CA PRO A 255 -4.13 6.77 -43.21
C PRO A 255 -3.91 5.37 -43.80
N ASP A 256 -3.40 5.32 -45.01
CA ASP A 256 -3.14 4.03 -45.71
C ASP A 256 -1.68 3.57 -45.59
N ASN A 257 -0.85 4.36 -44.92
CA ASN A 257 0.55 4.09 -44.74
C ASN A 257 0.94 4.11 -43.25
N LEU A 258 0.16 3.48 -42.42
CA LEU A 258 0.43 3.46 -40.99
C LEU A 258 1.26 2.23 -40.67
N SER A 259 2.17 2.38 -39.72
CA SER A 259 2.93 1.26 -39.19
C SER A 259 2.08 0.45 -38.21
N PRO A 260 2.53 -0.79 -37.89
CA PRO A 260 1.85 -1.57 -36.84
C PRO A 260 1.62 -0.82 -35.53
N GLY A 261 2.63 -0.05 -35.08
CA GLY A 261 2.50 0.73 -33.85
C GLY A 261 1.45 1.84 -33.88
N GLU A 262 1.18 2.37 -35.07
CA GLU A 262 0.14 3.36 -35.28
C GLU A 262 -1.27 2.73 -35.40
N GLN A 263 -1.37 1.41 -35.34
CA GLN A 263 -2.68 0.74 -35.42
C GLN A 263 -3.10 -0.04 -34.16
N LEU A 264 -2.45 0.27 -33.04
CA LEU A 264 -2.74 -0.38 -31.77
C LEU A 264 -3.84 0.33 -30.98
N GLY A 265 -3.99 1.65 -31.12
CA GLY A 265 -5.00 2.40 -30.40
C GLY A 265 -5.79 3.40 -31.18
N MSE A 266 -6.97 3.74 -30.65
CA MSE A 266 -7.83 4.79 -31.23
C MSE A 266 -8.11 5.87 -30.22
O MSE A 266 -8.03 5.63 -29.05
CB MSE A 266 -9.15 4.24 -31.77
CG MSE A 266 -8.95 3.41 -33.01
SE MSE A 266 -10.46 3.24 -34.12
CE MSE A 266 -9.68 2.32 -35.60
N ALA A 267 -8.46 7.05 -30.71
CA ALA A 267 -8.80 8.21 -29.89
C ALA A 267 -10.16 8.74 -30.36
N GLY A 268 -10.91 9.34 -29.43
CA GLY A 268 -12.15 10.03 -29.74
C GLY A 268 -12.43 11.10 -28.68
N ILE A 269 -13.06 12.18 -29.09
CA ILE A 269 -13.56 13.20 -28.18
C ILE A 269 -15.02 13.45 -28.56
N GLY A 270 -15.90 13.40 -27.57
CA GLY A 270 -17.31 13.65 -27.77
C GLY A 270 -17.82 14.76 -26.88
N ARG A 271 -18.81 15.51 -27.36
CA ARG A 271 -19.37 16.64 -26.65
C ARG A 271 -20.78 16.30 -26.14
N LYS A 272 -21.06 16.65 -24.89
CA LYS A 272 -22.39 16.48 -24.30
C LYS A 272 -23.28 17.59 -24.80
N LYS A 273 -24.42 17.24 -25.35
CA LYS A 273 -25.33 18.24 -25.90
C LYS A 273 -26.23 18.78 -24.83
N ALA A 274 -26.65 20.05 -24.99
CA ALA A 274 -27.81 20.58 -24.27
C ALA A 274 -29.01 19.79 -24.78
N SER B 9 0.26 18.01 6.91
CA SER B 9 0.47 18.23 8.39
C SER B 9 -0.51 17.43 9.30
N VAL B 10 -1.55 16.84 8.72
CA VAL B 10 -2.51 16.03 9.50
C VAL B 10 -1.87 14.71 9.99
N TRP B 11 -2.02 14.42 11.28
CA TRP B 11 -1.59 13.15 11.86
C TRP B 11 -2.80 12.50 12.54
N PRO B 12 -3.02 11.18 12.33
CA PRO B 12 -2.26 10.29 11.46
C PRO B 12 -2.52 10.59 9.99
N PRO B 13 -1.60 10.16 9.09
CA PRO B 13 -1.62 10.53 7.68
C PRO B 13 -2.87 9.98 6.98
N PRO B 14 -3.75 10.87 6.48
CA PRO B 14 -4.96 10.43 5.78
C PRO B 14 -4.72 9.39 4.66
N GLY B 15 -3.56 9.45 4.03
CA GLY B 15 -3.26 8.53 2.93
C GLY B 15 -3.06 7.10 3.34
N LEU B 16 -2.85 6.85 4.63
CA LEU B 16 -2.78 5.50 5.12
C LEU B 16 -4.15 4.92 5.50
N ASP B 17 -5.20 5.75 5.41
CA ASP B 17 -6.54 5.38 5.84
C ASP B 17 -7.34 4.79 4.69
N PHE B 18 -7.48 3.47 4.66
CA PHE B 18 -8.25 2.78 3.60
C PHE B 18 -9.56 2.20 4.15
N SER B 19 -10.07 2.79 5.22
CA SER B 19 -11.27 2.29 5.88
C SER B 19 -11.20 0.78 6.11
N LYS B 20 -10.03 0.30 6.53
CA LYS B 20 -9.84 -1.08 6.93
C LYS B 20 -8.95 -1.06 8.18
N PRO B 21 -9.25 -1.95 9.14
CA PRO B 21 -8.42 -2.02 10.33
C PRO B 21 -7.06 -2.58 10.04
N THR B 22 -6.05 -2.22 10.83
CA THR B 22 -4.81 -2.96 10.93
C THR B 22 -4.55 -3.44 12.36
N ILE B 23 -3.84 -4.54 12.49
CA ILE B 23 -3.45 -5.06 13.83
C ILE B 23 -2.78 -4.00 14.67
N ALA B 24 -1.76 -3.36 14.10
CA ALA B 24 -1.00 -2.33 14.81
C ALA B 24 -1.93 -1.25 15.34
N ARG B 25 -2.84 -0.78 14.50
CA ARG B 25 -3.62 0.39 14.84
C ARG B 25 -4.74 0.00 15.81
N VAL B 26 -5.26 -1.22 15.70
CA VAL B 26 -6.26 -1.66 16.67
C VAL B 26 -5.66 -1.79 18.06
N TYR B 27 -4.47 -2.36 18.17
CA TYR B 27 -3.77 -2.51 19.45
C TYR B 27 -3.45 -1.14 20.03
N ASP B 28 -3.03 -0.21 19.18
CA ASP B 28 -2.76 1.18 19.57
C ASP B 28 -4.00 1.86 20.13
N ALA B 29 -5.14 1.63 19.47
CA ALA B 29 -6.46 2.07 19.96
C ALA B 29 -6.77 1.48 21.35
N LEU B 30 -6.57 0.17 21.52
CA LEU B 30 -6.73 -0.45 22.84
C LEU B 30 -5.88 0.19 23.94
N LEU B 31 -4.65 0.56 23.62
CA LEU B 31 -3.76 1.24 24.56
C LEU B 31 -4.01 2.75 24.67
N GLY B 32 -4.98 3.29 23.95
CA GLY B 32 -5.30 4.70 24.03
C GLY B 32 -4.38 5.63 23.25
N GLY B 33 -3.66 5.10 22.27
CA GLY B 33 -2.85 5.93 21.40
C GLY B 33 -3.71 6.65 20.36
N LYS B 34 -3.03 7.49 19.57
CA LYS B 34 -3.63 8.28 18.50
C LYS B 34 -3.24 7.78 17.09
N ASP B 35 -2.46 6.70 16.99
CA ASP B 35 -2.04 6.20 15.70
C ASP B 35 -3.06 5.17 15.25
N ASN B 36 -4.21 5.67 14.82
CA ASN B 36 -5.30 4.78 14.41
C ASN B 36 -6.37 5.55 13.68
N PHE B 37 -7.22 4.83 12.95
CA PHE B 37 -8.33 5.44 12.24
C PHE B 37 -9.66 4.89 12.75
N GLU B 38 -10.75 5.41 12.22
CA GLU B 38 -12.08 5.00 12.64
C GLU B 38 -12.27 3.50 12.55
N ALA B 39 -11.87 2.88 11.45
CA ALA B 39 -12.03 1.42 11.31
C ALA B 39 -11.29 0.66 12.43
N ASP B 40 -10.17 1.19 12.87
CA ASP B 40 -9.40 0.56 13.95
C ASP B 40 -10.10 0.70 15.28
N ARG B 41 -10.60 1.90 15.55
CA ARG B 41 -11.33 2.19 16.78
C ARG B 41 -12.62 1.41 16.84
N ALA B 42 -13.26 1.22 15.70
CA ALA B 42 -14.50 0.46 15.58
C ALA B 42 -14.29 -1.02 15.94
N LEU B 43 -13.23 -1.64 15.42
CA LEU B 43 -12.93 -3.01 15.78
C LEU B 43 -12.49 -3.11 17.25
N ALA B 44 -11.74 -2.14 17.76
CA ALA B 44 -11.28 -2.19 19.13
C ALA B 44 -12.52 -2.12 20.06
N ASP B 45 -13.42 -1.19 19.79
CA ASP B 45 -14.69 -1.09 20.54
C ASP B 45 -15.54 -2.36 20.50
N TYR B 46 -15.74 -2.89 19.31
CA TYR B 46 -16.49 -4.13 19.13
C TYR B 46 -15.86 -5.26 19.98
N ALA B 47 -14.57 -5.41 19.86
CA ALA B 47 -13.85 -6.45 20.57
C ALA B 47 -13.98 -6.26 22.10
N CYS B 48 -13.81 -5.02 22.58
CA CYS B 48 -13.95 -4.74 24.01
C CYS B 48 -15.34 -5.01 24.53
N LYS B 49 -16.34 -4.86 23.68
CA LYS B 49 -17.72 -5.16 24.05
C LYS B 49 -17.98 -6.64 24.21
N NEP B 50 -17.16 -7.47 23.57
CA NEP B 50 -17.35 -8.93 23.59
C NEP B 50 -16.33 -9.68 24.40
O NEP B 50 -16.57 -10.82 24.73
CB NEP B 50 -17.38 -9.55 22.18
CG NEP B 50 -18.61 -9.09 21.43
ND1 NEP B 50 -18.71 -7.88 20.83
CD2 NEP B 50 -19.82 -9.75 21.25
CE1 NEP B 50 -19.96 -7.78 20.28
NE2 NEP B 50 -20.59 -8.92 20.52
P NEP B 50 -22.30 -9.24 19.97
O1P NEP B 50 -22.96 -7.86 19.86
O2P NEP B 50 -22.24 -9.84 18.57
O3P NEP B 50 -22.97 -10.18 20.98
N ILE B 51 -15.18 -9.06 24.70
CA ILE B 51 -14.08 -9.76 25.35
C ILE B 51 -13.72 -9.03 26.65
N PRO B 52 -14.15 -9.58 27.80
CA PRO B 52 -13.82 -9.00 29.09
C PRO B 52 -12.32 -8.85 29.32
N GLY B 53 -11.92 -7.67 29.75
CA GLY B 53 -10.52 -7.43 30.06
C GLY B 53 -9.59 -7.21 28.89
N LEU B 54 -10.13 -7.03 27.68
CA LEU B 54 -9.26 -6.85 26.51
C LEU B 54 -8.25 -5.71 26.64
N LYS B 55 -8.67 -4.50 26.99
CA LYS B 55 -7.71 -3.39 27.12
C LYS B 55 -6.67 -3.73 28.17
N GLU B 56 -7.11 -4.31 29.29
CA GLU B 56 -6.18 -4.63 30.37
C GLU B 56 -5.19 -5.71 29.94
N SER B 57 -5.63 -6.68 29.13
CA SER B 57 -4.70 -7.66 28.56
C SER B 57 -3.61 -7.00 27.70
N ALA B 58 -3.97 -5.95 26.95
CA ALA B 58 -2.99 -5.23 26.15
C ALA B 58 -2.01 -4.46 27.04
N ILE B 59 -2.53 -3.87 28.10
CA ILE B 59 -1.72 -3.17 29.13
C ILE B 59 -0.74 -4.14 29.82
N GLU B 60 -1.21 -5.32 30.20
CA GLU B 60 -0.37 -6.32 30.82
C GLU B 60 0.71 -6.84 29.85
N ASN B 61 0.41 -6.84 28.56
CA ASN B 61 1.38 -7.22 27.53
C ASN B 61 2.50 -6.14 27.42
N ARG B 62 2.13 -4.87 27.37
CA ARG B 62 3.12 -3.84 27.41
C ARG B 62 3.97 -3.93 28.66
N LYS B 63 3.35 -4.13 29.82
CA LYS B 63 4.10 -4.19 31.06
C LYS B 63 5.11 -5.34 31.11
N VAL B 64 4.72 -6.55 30.64
CA VAL B 64 5.69 -7.65 30.53
C VAL B 64 6.77 -7.39 29.49
N LEU B 65 6.45 -6.64 28.46
CA LEU B 65 7.43 -6.25 27.46
C LEU B 65 8.56 -5.49 28.16
N VAL B 66 8.18 -4.53 29.00
CA VAL B 66 9.15 -3.71 29.74
C VAL B 66 9.96 -4.60 30.68
N ARG B 67 9.27 -5.48 31.39
CA ARG B 67 9.94 -6.35 32.36
C ARG B 67 10.91 -7.33 31.67
N GLY B 68 10.52 -7.89 30.52
CA GLY B 68 11.36 -8.82 29.78
C GLY B 68 12.55 -8.14 29.11
N VAL B 69 12.31 -6.99 28.52
CA VAL B 69 13.41 -6.24 27.89
C VAL B 69 14.39 -5.78 28.96
N ARG B 70 13.90 -5.38 30.13
CA ARG B 70 14.81 -4.94 31.21
CA ARG B 70 14.78 -4.96 31.23
C ARG B 70 15.67 -6.10 31.73
N PHE B 71 15.07 -7.29 31.87
CA PHE B 71 15.82 -8.50 32.21
C PHE B 71 16.88 -8.81 31.14
N LEU B 72 16.49 -8.70 29.87
CA LEU B 72 17.34 -9.11 28.76
C LEU B 72 18.52 -8.14 28.61
N ALA B 73 18.21 -6.86 28.61
CA ALA B 73 19.25 -5.80 28.44
C ALA B 73 20.15 -5.62 29.63
N GLY B 74 19.63 -5.83 30.83
CA GLY B 74 20.41 -5.66 32.05
C GLY B 74 21.05 -6.95 32.56
N GLU B 75 20.27 -7.72 33.31
CA GLU B 75 20.74 -8.97 33.92
C GLU B 75 21.36 -9.92 32.88
N ALA B 76 20.66 -10.15 31.77
CA ALA B 76 21.12 -11.12 30.77
C ALA B 76 22.25 -10.59 29.89
N GLY B 77 22.45 -9.27 29.91
CA GLY B 77 23.56 -8.64 29.22
C GLY B 77 23.44 -8.62 27.72
N ILE B 78 22.22 -8.53 27.21
CA ILE B 78 21.98 -8.51 25.75
C ILE B 78 21.98 -7.07 25.23
N SER B 79 22.72 -6.84 24.15
CA SER B 79 22.88 -5.52 23.57
C SER B 79 22.31 -5.47 22.13
N GLN B 80 21.64 -6.52 21.70
CA GLN B 80 21.13 -6.60 20.35
C GLN B 80 19.74 -7.19 20.37
N PHE B 81 18.78 -6.46 19.77
CA PHE B 81 17.36 -6.80 19.82
C PHE B 81 16.74 -6.63 18.45
N LEU B 82 16.06 -7.69 18.00
CA LEU B 82 15.21 -7.69 16.83
C LEU B 82 13.75 -7.83 17.29
N ASP B 83 13.01 -6.71 17.18
CA ASP B 83 11.63 -6.60 17.69
C ASP B 83 10.67 -6.78 16.53
N LEU B 84 10.13 -7.99 16.41
CA LEU B 84 9.38 -8.39 15.24
C LEU B 84 7.89 -8.18 15.50
N GLY B 85 7.22 -7.43 14.62
CA GLY B 85 5.84 -7.00 14.86
C GLY B 85 5.83 -6.02 16.01
N SER B 86 6.59 -4.96 15.88
CA SER B 86 6.86 -4.04 16.94
C SER B 86 5.65 -3.26 17.41
N GLY B 87 4.72 -2.99 16.49
CA GLY B 87 3.64 -2.08 16.73
C GLY B 87 4.03 -0.64 16.63
N LEU B 88 3.03 0.19 16.92
CA LEU B 88 3.18 1.64 16.90
C LEU B 88 3.72 2.12 18.26
N PRO B 89 4.28 3.33 18.29
CA PRO B 89 4.98 3.78 19.49
C PRO B 89 4.07 3.98 20.68
N THR B 90 4.57 3.56 21.86
CA THR B 90 3.93 3.77 23.14
C THR B 90 4.79 4.71 23.98
N VAL B 91 4.41 4.92 25.24
CA VAL B 91 5.23 5.76 26.16
C VAL B 91 6.51 5.09 26.63
N GLN B 92 6.60 3.77 26.56
CA GLN B 92 7.81 3.03 26.91
C GLN B 92 8.12 1.96 25.85
N ASN B 93 8.93 2.35 24.87
CA ASN B 93 9.29 1.46 23.77
C ASN B 93 10.52 0.60 24.09
N THR B 94 10.64 -0.50 23.37
CA THR B 94 11.70 -1.47 23.57
C THR B 94 13.07 -0.84 23.73
N HIS B 95 13.42 0.07 22.83
CA HIS B 95 14.72 0.71 22.86
C HIS B 95 14.93 1.66 24.01
N GLU B 96 13.86 2.27 24.49
CA GLU B 96 13.97 3.13 25.67
C GLU B 96 14.25 2.25 26.90
N VAL B 97 13.52 1.15 27.06
CA VAL B 97 13.74 0.24 28.18
C VAL B 97 15.16 -0.34 28.13
N ALA B 98 15.58 -0.85 26.98
CA ALA B 98 16.92 -1.42 26.83
C ALA B 98 18.03 -0.42 27.13
N GLN B 99 17.91 0.77 26.57
CA GLN B 99 18.94 1.79 26.76
C GLN B 99 18.99 2.28 28.20
N SER B 100 17.89 2.16 28.92
CA SER B 100 17.86 2.58 30.32
C SER B 100 18.76 1.72 31.25
N VAL B 101 18.93 0.46 30.91
CA VAL B 101 19.75 -0.45 31.70
C VAL B 101 21.03 -0.85 30.96
N ASN B 102 21.10 -0.55 29.66
CA ASN B 102 22.23 -0.92 28.82
C ASN B 102 22.42 0.10 27.68
N PRO B 103 23.22 1.16 27.90
CA PRO B 103 23.39 2.23 26.91
C PRO B 103 23.90 1.80 25.53
N ASP B 104 24.51 0.63 25.45
CA ASP B 104 24.98 0.10 24.17
C ASP B 104 23.90 -0.61 23.38
N ALA B 105 22.69 -0.76 23.94
CA ALA B 105 21.69 -1.60 23.32
C ALA B 105 21.34 -1.07 21.93
N ARG B 106 21.23 -1.99 20.98
CA ARG B 106 20.81 -1.70 19.64
C ARG B 106 19.55 -2.48 19.36
N VAL B 107 18.57 -1.80 18.77
CA VAL B 107 17.24 -2.36 18.52
C VAL B 107 16.84 -2.11 17.06
N VAL B 108 16.40 -3.17 16.41
CA VAL B 108 15.82 -3.09 15.08
C VAL B 108 14.33 -3.51 15.20
N TYR B 109 13.46 -2.58 14.83
CA TYR B 109 12.03 -2.78 14.90
C TYR B 109 11.54 -3.15 13.50
N VAL B 110 10.61 -4.09 13.44
CA VAL B 110 10.05 -4.50 12.17
C VAL B 110 8.54 -4.61 12.33
N ASP B 111 7.80 -4.11 11.33
CA ASP B 111 6.33 -4.25 11.31
C ASP B 111 5.80 -4.16 9.88
N ILE B 112 4.70 -4.84 9.66
CA ILE B 112 4.04 -4.86 8.35
CA ILE B 112 4.04 -4.85 8.34
C ILE B 112 3.27 -3.56 8.07
N ASP B 113 2.90 -2.82 9.12
CA ASP B 113 2.05 -1.63 8.94
C ASP B 113 2.96 -0.44 8.63
N PRO B 114 2.79 0.19 7.46
CA PRO B 114 3.67 1.28 7.11
C PRO B 114 3.66 2.52 8.04
N MSE B 115 2.63 2.65 8.85
CA MSE B 115 2.56 3.78 9.76
C MSE B 115 3.65 3.66 10.81
O MSE B 115 4.13 4.67 11.30
CB MSE B 115 1.19 3.87 10.43
CG MSE B 115 0.98 5.18 11.17
SE MSE B 115 -0.73 5.26 12.10
CE MSE B 115 -1.93 5.28 10.61
N VAL B 116 4.05 2.42 11.11
CA VAL B 116 5.17 2.18 12.05
C VAL B 116 6.47 2.83 11.52
N LEU B 117 6.80 2.60 10.26
CA LEU B 117 7.97 3.29 9.69
C LEU B 117 7.79 4.81 9.67
N THR B 118 6.62 5.26 9.26
CA THR B 118 6.38 6.69 9.08
C THR B 118 6.54 7.41 10.42
N HIS B 119 5.91 6.90 11.48
CA HIS B 119 6.08 7.51 12.79
C HIS B 119 7.49 7.26 13.36
N GLY B 120 7.92 6.00 13.29
CA GLY B 120 9.19 5.61 13.90
C GLY B 120 10.37 6.37 13.33
N ARG B 121 10.37 6.59 12.03
CA ARG B 121 11.45 7.33 11.37
C ARG B 121 11.70 8.69 12.06
N ALA B 122 10.62 9.41 12.35
CA ALA B 122 10.75 10.74 12.96
C ALA B 122 11.24 10.60 14.38
N LEU B 123 10.74 9.59 15.07
CA LEU B 123 11.09 9.36 16.49
C LEU B 123 12.56 8.99 16.62
N LEU B 124 13.07 8.21 15.66
CA LEU B 124 14.42 7.63 15.76
C LEU B 124 15.49 8.35 14.95
N ALA B 125 15.14 9.49 14.36
CA ALA B 125 16.02 10.25 13.48
C ALA B 125 17.38 10.59 14.09
N LYS B 126 17.43 10.79 15.40
CA LYS B 126 18.68 11.17 16.07
C LYS B 126 19.33 10.04 16.90
N ASP B 127 18.89 8.80 16.70
CA ASP B 127 19.38 7.67 17.50
C ASP B 127 20.03 6.68 16.57
N PRO B 128 21.38 6.69 16.52
CA PRO B 128 22.10 5.79 15.63
C PRO B 128 22.03 4.33 16.01
N ASN B 129 21.54 4.02 17.23
CA ASN B 129 21.53 2.65 17.69
C ASN B 129 20.16 2.02 17.55
N THR B 130 19.25 2.67 16.82
CA THR B 130 17.88 2.13 16.64
C THR B 130 17.41 2.36 15.22
N ALA B 131 16.75 1.35 14.64
CA ALA B 131 16.23 1.40 13.28
C ALA B 131 14.88 0.73 13.21
N VAL B 132 14.15 1.06 12.14
CA VAL B 132 12.84 0.53 11.88
C VAL B 132 12.66 0.33 10.37
N PHE B 133 12.04 -0.76 10.02
CA PHE B 133 11.66 -0.99 8.63
C PHE B 133 10.37 -1.79 8.52
N THR B 134 9.77 -1.78 7.33
CA THR B 134 8.54 -2.45 7.03
C THR B 134 8.82 -3.82 6.41
N ALA B 135 8.20 -4.86 6.94
CA ALA B 135 8.38 -6.17 6.34
C ALA B 135 7.40 -7.13 6.99
N ASP B 136 7.21 -8.26 6.34
CA ASP B 136 6.38 -9.35 6.83
C ASP B 136 7.25 -10.38 7.52
N VAL B 137 6.96 -10.58 8.79
CA VAL B 137 7.68 -11.46 9.69
C VAL B 137 7.64 -12.93 9.25
N ARG B 138 6.64 -13.29 8.43
CA ARG B 138 6.56 -14.65 7.88
C ARG B 138 7.58 -14.93 6.79
N ASP B 139 8.42 -13.95 6.47
CA ASP B 139 9.54 -14.13 5.54
C ASP B 139 10.88 -13.83 6.23
N PRO B 140 11.34 -14.75 7.08
CA PRO B 140 12.56 -14.49 7.88
C PRO B 140 13.80 -14.21 7.04
N GLU B 141 13.92 -14.87 5.90
CA GLU B 141 15.09 -14.67 5.04
C GLU B 141 15.17 -13.20 4.59
N TYR B 142 14.03 -12.61 4.28
CA TYR B 142 14.01 -11.20 3.88
C TYR B 142 14.43 -10.33 5.08
N ILE B 143 13.90 -10.61 6.25
CA ILE B 143 14.17 -9.78 7.44
C ILE B 143 15.63 -9.96 7.86
N LEU B 144 16.06 -11.23 7.97
CA LEU B 144 17.40 -11.54 8.50
C LEU B 144 18.51 -11.00 7.61
N ASN B 145 18.21 -10.84 6.33
CA ASN B 145 19.17 -10.31 5.39
C ASN B 145 18.97 -8.86 5.04
N HIS B 146 18.00 -8.20 5.67
CA HIS B 146 17.72 -6.78 5.38
C HIS B 146 18.91 -5.91 5.79
N PRO B 147 19.22 -4.85 5.02
CA PRO B 147 20.36 -3.98 5.38
C PRO B 147 20.37 -3.45 6.78
N ASP B 148 19.20 -3.15 7.34
CA ASP B 148 19.11 -2.61 8.70
C ASP B 148 19.49 -3.63 9.76
N VAL B 149 19.06 -4.88 9.56
CA VAL B 149 19.51 -6.00 10.38
C VAL B 149 21.02 -6.23 10.20
N ARG B 150 21.49 -6.32 8.96
CA ARG B 150 22.91 -6.57 8.71
C ARG B 150 23.84 -5.53 9.35
N ARG B 151 23.44 -4.27 9.31
CA ARG B 151 24.28 -3.21 9.86
C ARG B 151 24.13 -3.01 11.37
N MSE B 152 23.12 -3.61 12.00
CA MSE B 152 22.87 -3.41 13.44
C MSE B 152 23.12 -4.64 14.31
O MSE B 152 23.48 -4.51 15.46
CB MSE B 152 21.39 -3.01 13.67
CG MSE B 152 21.02 -1.58 13.31
SE MSE B 152 21.72 -0.29 14.60
CE MSE B 152 20.37 1.04 14.28
N ILE B 153 22.83 -5.83 13.78
CA ILE B 153 22.89 -7.03 14.59
C ILE B 153 23.95 -7.98 14.04
N ASP B 154 24.86 -8.40 14.91
CA ASP B 154 25.85 -9.44 14.66
C ASP B 154 25.35 -10.71 15.33
N PHE B 155 24.88 -11.65 14.52
CA PHE B 155 24.29 -12.90 15.03
C PHE B 155 25.32 -13.96 15.45
N SER B 156 26.60 -13.62 15.36
CA SER B 156 27.66 -14.46 15.93
C SER B 156 27.81 -14.14 17.42
N ARG B 157 27.17 -13.05 17.85
CA ARG B 157 27.10 -12.62 19.24
C ARG B 157 25.66 -12.73 19.73
N PRO B 158 25.47 -12.94 21.04
CA PRO B 158 24.10 -13.05 21.53
C PRO B 158 23.19 -11.86 21.23
N ALA B 159 21.97 -12.20 20.86
CA ALA B 159 20.93 -11.26 20.50
C ALA B 159 19.67 -11.74 21.18
N ALA B 160 18.63 -10.91 21.17
CA ALA B 160 17.28 -11.31 21.59
C ALA B 160 16.39 -11.00 20.41
N ILE B 161 15.61 -11.99 19.96
CA ILE B 161 14.58 -11.82 18.96
C ILE B 161 13.26 -11.87 19.71
N MSE B 162 12.39 -10.93 19.39
CA MSE B 162 11.11 -10.80 20.09
C MSE B 162 9.99 -11.02 19.10
O MSE B 162 10.03 -10.48 17.99
CB MSE B 162 10.98 -9.43 20.73
CG MSE B 162 12.07 -9.08 21.74
SE MSE B 162 12.23 -7.17 22.10
CE MSE B 162 10.40 -6.74 22.75
N LEU B 163 9.03 -11.84 19.52
CA LEU B 163 7.72 -11.93 18.91
C LEU B 163 6.70 -11.64 20.00
N VAL B 164 6.89 -10.50 20.66
CA VAL B 164 6.02 -10.05 21.70
C VAL B 164 4.71 -9.57 21.06
N GLY B 165 3.63 -10.16 21.51
CA GLY B 165 2.30 -9.80 21.08
C GLY B 165 1.99 -10.26 19.67
N MSE B 166 2.69 -11.29 19.20
CA MSE B 166 2.76 -11.65 17.77
C MSE B 166 2.48 -13.10 17.42
O MSE B 166 2.12 -13.41 16.27
CB MSE B 166 4.21 -11.50 17.33
CG MSE B 166 4.64 -10.25 16.73
SE MSE B 166 5.05 -10.78 14.91
CE MSE B 166 3.39 -10.34 14.46
N LEU B 167 2.76 -14.01 18.35
CA LEU B 167 2.74 -15.41 18.03
C LEU B 167 1.39 -15.85 17.49
N HIS B 168 0.32 -15.29 18.05
CA HIS B 168 -1.05 -15.65 17.62
C HIS B 168 -1.45 -15.11 16.23
N TYR B 169 -0.57 -14.36 15.55
CA TYR B 169 -0.80 -13.99 14.14
C TYR B 169 -0.09 -14.94 13.16
N LEU B 170 0.62 -15.94 13.66
CA LEU B 170 1.25 -16.96 12.83
C LEU B 170 0.37 -18.22 12.80
N SER B 171 -0.09 -18.56 11.62
CA SER B 171 -0.99 -19.67 11.44
C SER B 171 -0.33 -21.01 11.70
N PRO B 172 -1.13 -22.02 12.04
CA PRO B 172 -0.57 -23.36 12.16
C PRO B 172 0.26 -23.80 10.93
N ASP B 173 -0.08 -23.28 9.76
CA ASP B 173 0.61 -23.66 8.53
C ASP B 173 2.03 -23.16 8.44
N VAL B 174 2.32 -22.03 9.07
CA VAL B 174 3.62 -21.38 8.88
C VAL B 174 4.44 -21.23 10.14
N VAL B 175 3.82 -21.43 11.30
CA VAL B 175 4.47 -21.07 12.56
C VAL B 175 5.79 -21.82 12.82
N ASP B 176 5.82 -23.14 12.57
CA ASP B 176 7.00 -23.90 12.90
C ASP B 176 8.22 -23.39 12.12
N ARG B 177 8.07 -23.30 10.81
CA ARG B 177 9.15 -22.88 9.93
C ARG B 177 9.58 -21.44 10.23
N VAL B 178 8.62 -20.57 10.53
CA VAL B 178 8.91 -19.15 10.70
C VAL B 178 9.68 -18.88 12.01
N VAL B 179 9.14 -19.37 13.14
CA VAL B 179 9.77 -19.18 14.45
C VAL B 179 11.09 -19.95 14.48
N GLY B 180 11.11 -21.14 13.91
CA GLY B 180 12.34 -21.93 13.79
C GLY B 180 13.47 -21.27 13.02
N ALA B 181 13.13 -20.51 11.97
CA ALA B 181 14.14 -19.78 11.20
C ALA B 181 14.83 -18.75 12.09
N TYR B 182 14.05 -18.05 12.91
CA TYR B 182 14.59 -17.04 13.84
C TYR B 182 15.45 -17.67 14.97
N ARG B 183 15.00 -18.80 15.51
CA ARG B 183 15.76 -19.52 16.54
C ARG B 183 17.08 -19.99 15.97
N ASP B 184 17.04 -20.52 14.74
CA ASP B 184 18.24 -21.05 14.10
C ASP B 184 19.24 -19.96 13.77
N ALA B 185 18.78 -18.74 13.56
CA ALA B 185 19.68 -17.64 13.20
C ALA B 185 20.54 -17.20 14.38
N LEU B 186 20.09 -17.49 15.59
CA LEU B 186 20.68 -16.97 16.81
C LEU B 186 21.94 -17.72 17.27
N ALA B 187 22.89 -16.98 17.83
CA ALA B 187 24.07 -17.59 18.44
C ALA B 187 23.69 -18.34 19.73
N PRO B 188 24.50 -19.33 20.13
CA PRO B 188 24.33 -19.87 21.48
C PRO B 188 24.36 -18.76 22.54
N GLY B 189 23.58 -18.95 23.60
CA GLY B 189 23.35 -17.90 24.60
C GLY B 189 22.40 -16.78 24.20
N SER B 190 21.79 -16.85 23.02
CA SER B 190 20.81 -15.83 22.62
C SER B 190 19.46 -16.16 23.22
N TYR B 191 18.52 -15.22 23.11
CA TYR B 191 17.18 -15.34 23.73
C TYR B 191 16.08 -15.14 22.71
N LEU B 192 14.98 -15.83 22.96
CA LEU B 192 13.74 -15.66 22.25
C LEU B 192 12.69 -15.23 23.27
N PHE B 193 12.03 -14.09 23.02
CA PHE B 193 11.03 -13.52 23.94
C PHE B 193 9.73 -13.41 23.14
N MSE B 194 8.71 -14.13 23.55
CA MSE B 194 7.43 -14.11 22.87
C MSE B 194 6.26 -13.97 23.85
O MSE B 194 6.34 -14.40 25.00
CB MSE B 194 7.23 -15.41 22.06
CG MSE B 194 8.39 -15.82 21.18
SE MSE B 194 7.85 -17.12 19.86
CE MSE B 194 7.93 -18.67 20.99
N THR B 195 5.16 -13.37 23.39
CA THR B 195 3.89 -13.51 24.08
C THR B 195 2.78 -13.92 23.09
N SER B 196 1.68 -14.45 23.61
CA SER B 196 0.65 -15.04 22.78
C SER B 196 -0.66 -15.09 23.52
N LEU B 197 -1.71 -14.82 22.77
CA LEU B 197 -3.02 -15.18 23.17
C LEU B 197 -3.00 -16.66 23.47
N VAL B 198 -3.60 -17.05 24.58
CA VAL B 198 -3.50 -18.44 25.11
C VAL B 198 -4.88 -19.09 25.21
N ASP B 199 -4.92 -20.40 25.07
CA ASP B 199 -6.11 -21.19 25.30
C ASP B 199 -5.85 -22.00 26.56
N THR B 200 -6.43 -21.55 27.67
CA THR B 200 -6.51 -22.35 28.89
C THR B 200 -7.96 -22.73 29.19
N GLY B 201 -8.78 -22.89 28.16
CA GLY B 201 -10.19 -23.31 28.36
C GLY B 201 -11.09 -22.23 28.99
N LEU B 202 -10.70 -20.96 28.90
CA LEU B 202 -11.55 -19.86 29.34
C LEU B 202 -12.28 -19.33 28.10
N PRO B 203 -13.57 -19.02 28.22
CA PRO B 203 -14.45 -18.79 27.02
C PRO B 203 -13.98 -17.68 26.03
N ALA B 204 -13.57 -16.55 26.62
CA ALA B 204 -13.26 -15.39 25.83
C ALA B 204 -12.06 -15.64 24.96
N GLN B 205 -11.25 -16.66 25.27
CA GLN B 205 -9.96 -16.81 24.58
C GLN B 205 -10.17 -17.18 23.13
N GLN B 206 -10.94 -18.22 22.89
CA GLN B 206 -11.24 -18.64 21.52
C GLN B 206 -12.19 -17.66 20.82
N LYS B 207 -13.06 -17.00 21.58
CA LYS B 207 -13.92 -15.96 21.03
C LYS B 207 -13.07 -14.85 20.47
N LEU B 208 -12.06 -14.42 21.23
CA LEU B 208 -11.16 -13.31 20.82
C LEU B 208 -10.35 -13.73 19.62
N ALA B 209 -9.94 -14.98 19.57
CA ALA B 209 -9.15 -15.47 18.46
C ALA B 209 -9.98 -15.43 17.18
N ARG B 210 -11.26 -15.77 17.29
CA ARG B 210 -12.17 -15.76 16.18
C ARG B 210 -12.41 -14.37 15.65
N ILE B 211 -12.61 -13.41 16.55
CA ILE B 211 -12.84 -12.00 16.16
C ILE B 211 -11.61 -11.49 15.40
N THR B 212 -10.44 -11.86 15.89
CA THR B 212 -9.18 -11.43 15.32
C THR B 212 -9.01 -12.04 13.90
N ARG B 213 -9.20 -13.34 13.79
CA ARG B 213 -9.11 -14.08 12.54
C ARG B 213 -10.08 -13.54 11.50
N GLU B 214 -11.33 -13.34 11.93
CA GLU B 214 -12.37 -12.92 11.00
C GLU B 214 -12.10 -11.48 10.49
N ASN B 215 -11.56 -10.63 11.35
CA ASN B 215 -11.49 -9.21 11.02
C ASN B 215 -10.12 -8.73 10.66
N LEU B 216 -9.10 -9.39 11.14
CA LEU B 216 -7.71 -9.02 10.85
C LEU B 216 -6.94 -10.12 10.08
N GLY B 217 -7.56 -11.27 9.84
CA GLY B 217 -7.03 -12.29 8.94
C GLY B 217 -6.30 -13.47 9.54
N GLU B 218 -5.75 -13.30 10.72
CA GLU B 218 -5.07 -14.36 11.46
C GLU B 218 -5.42 -14.23 12.93
N GLY B 219 -5.57 -15.34 13.65
CA GLY B 219 -5.78 -15.25 15.11
C GLY B 219 -5.89 -16.63 15.68
N TRP B 220 -4.89 -17.03 16.45
CA TRP B 220 -4.67 -18.42 16.85
C TRP B 220 -4.30 -18.44 18.34
N ALA B 221 -5.26 -18.84 19.18
CA ALA B 221 -5.03 -18.98 20.59
C ALA B 221 -4.32 -20.33 20.77
N ARG B 222 -3.17 -20.34 21.42
CA ARG B 222 -2.41 -21.55 21.63
C ARG B 222 -2.39 -21.95 23.10
N THR B 223 -2.44 -23.25 23.36
CA THR B 223 -2.34 -23.76 24.73
C THR B 223 -0.95 -23.42 25.29
N PRO B 224 -0.78 -23.41 26.61
CA PRO B 224 0.57 -23.20 27.17
C PRO B 224 1.61 -24.12 26.56
N GLU B 225 1.26 -25.38 26.35
CA GLU B 225 2.16 -26.39 25.77
C GLU B 225 2.54 -26.09 24.30
N GLU B 226 1.54 -25.70 23.49
CA GLU B 226 1.78 -25.25 22.12
C GLU B 226 2.66 -23.99 22.08
N ILE B 227 2.53 -23.09 23.07
CA ILE B 227 3.42 -21.91 23.19
C ILE B 227 4.84 -22.30 23.59
N GLU B 228 4.98 -23.14 24.61
CA GLU B 228 6.28 -23.66 25.06
C GLU B 228 7.00 -24.35 23.90
N ARG B 229 6.25 -25.11 23.12
CA ARG B 229 6.80 -25.83 22.00
C ARG B 229 7.50 -24.95 20.99
N GLN B 230 7.03 -23.72 20.80
CA GLN B 230 7.67 -22.77 19.87
C GLN B 230 9.00 -22.16 20.37
N PHE B 231 9.38 -22.46 21.61
CA PHE B 231 10.72 -22.13 22.06
C PHE B 231 11.72 -23.20 21.63
N GLY B 232 11.21 -24.30 21.11
CA GLY B 232 12.09 -25.31 20.52
C GLY B 232 12.93 -25.96 21.60
N ASP B 233 14.24 -26.04 21.39
CA ASP B 233 15.12 -26.58 22.41
C ASP B 233 15.88 -25.47 23.14
N PHE B 234 15.34 -24.25 23.11
CA PHE B 234 15.80 -23.20 24.01
C PHE B 234 15.34 -23.57 25.44
N GLU B 235 16.09 -23.14 26.43
CA GLU B 235 15.75 -23.43 27.82
C GLU B 235 15.01 -22.25 28.38
N LEU B 236 13.83 -22.50 28.93
CA LEU B 236 12.97 -21.41 29.37
C LEU B 236 13.55 -20.87 30.63
N VAL B 237 13.65 -19.55 30.75
CA VAL B 237 14.01 -18.93 32.00
C VAL B 237 12.80 -18.91 32.94
N GLU B 238 13.07 -18.98 34.23
CA GLU B 238 12.02 -18.89 35.26
C GLU B 238 11.23 -17.61 35.14
N PRO B 239 9.90 -17.65 35.29
CA PRO B 239 9.03 -18.78 35.66
C PRO B 239 8.50 -19.70 34.54
N GLY B 240 9.07 -19.59 33.35
CA GLY B 240 8.60 -20.36 32.20
C GLY B 240 7.56 -19.60 31.42
N VAL B 241 6.61 -20.34 30.83
CA VAL B 241 5.49 -19.79 30.08
C VAL B 241 4.29 -19.66 31.05
N VAL B 242 3.96 -18.40 31.34
CA VAL B 242 2.96 -18.07 32.36
C VAL B 242 2.14 -16.88 31.88
N TYR B 243 0.97 -16.71 32.48
CA TYR B 243 0.16 -15.53 32.21
C TYR B 243 1.06 -14.29 32.33
N THR B 244 0.83 -13.31 31.45
CA THR B 244 1.75 -12.18 31.35
C THR B 244 2.01 -11.45 32.68
N ALA B 245 0.98 -11.24 33.50
CA ALA B 245 1.12 -10.55 34.80
C ALA B 245 1.98 -11.31 35.79
N LEU B 246 2.14 -12.62 35.57
CA LEU B 246 2.90 -13.49 36.46
C LEU B 246 4.38 -13.64 36.07
N TRP B 247 4.80 -13.04 34.95
CA TRP B 247 6.15 -13.21 34.48
C TRP B 247 7.02 -12.18 35.21
N ARG B 248 7.81 -12.65 36.18
CA ARG B 248 8.70 -11.80 36.98
C ARG B 248 8.08 -10.44 37.35
N PRO B 249 7.00 -10.47 38.12
CA PRO B 249 6.31 -9.26 38.50
C PRO B 249 7.12 -8.39 39.40
N ASP B 250 6.83 -7.10 39.40
CA ASP B 250 7.48 -6.17 40.30
C ASP B 250 6.88 -6.29 41.72
N GLU B 251 5.57 -6.55 41.79
CA GLU B 251 4.84 -6.88 43.04
C GLU B 251 4.29 -8.30 42.90
N PRO B 252 4.43 -9.16 43.94
CA PRO B 252 3.73 -10.46 43.89
C PRO B 252 2.20 -10.40 43.52
N VAL B 253 1.66 -11.58 43.21
CA VAL B 253 0.39 -11.69 42.50
C VAL B 253 -0.12 -13.10 42.82
N ASP B 254 -1.31 -13.28 43.45
CA ASP B 254 -1.80 -14.67 43.55
C ASP B 254 -2.16 -14.99 42.10
N PRO B 255 -1.53 -16.06 41.58
CA PRO B 255 -2.03 -16.61 40.33
C PRO B 255 -3.43 -17.09 40.44
N ASP B 256 -3.96 -17.19 41.66
CA ASP B 256 -5.33 -17.61 41.86
C ASP B 256 -6.31 -16.44 41.95
N ASN B 257 -5.78 -15.20 41.94
CA ASN B 257 -6.60 -13.99 41.99
C ASN B 257 -6.45 -13.11 40.76
N LEU B 258 -6.47 -13.72 39.59
CA LEU B 258 -6.31 -12.99 38.35
C LEU B 258 -7.70 -12.69 37.80
N SER B 259 -7.83 -11.50 37.24
CA SER B 259 -9.02 -11.10 36.49
C SER B 259 -9.02 -11.71 35.08
N PRO B 260 -10.18 -11.70 34.42
CA PRO B 260 -10.26 -12.18 33.03
C PRO B 260 -9.22 -11.57 32.09
N GLY B 261 -9.00 -10.27 32.22
CA GLY B 261 -8.00 -9.58 31.39
C GLY B 261 -6.57 -10.05 31.60
N GLU B 262 -6.29 -10.58 32.79
CA GLU B 262 -4.96 -11.12 33.10
C GLU B 262 -4.79 -12.58 32.64
N GLN B 263 -5.84 -13.15 32.05
CA GLN B 263 -5.80 -14.56 31.63
C GLN B 263 -5.99 -14.71 30.13
N LEU B 264 -5.70 -13.66 29.36
CA LEU B 264 -5.84 -13.77 27.90
C LEU B 264 -4.52 -14.11 27.19
N GLY B 265 -3.42 -13.81 27.84
CA GLY B 265 -2.07 -13.91 27.25
C GLY B 265 -1.04 -14.53 28.16
N MSE B 266 -0.08 -15.25 27.55
CA MSE B 266 1.09 -15.75 28.26
C MSE B 266 2.38 -15.23 27.64
O MSE B 266 2.41 -14.87 26.47
CB MSE B 266 1.12 -17.29 28.33
CG MSE B 266 0.05 -17.89 29.21
SE MSE B 266 0.46 -19.66 29.75
CE MSE B 266 -1.00 -19.98 30.99
N ALA B 267 3.42 -15.21 28.47
CA ALA B 267 4.75 -14.76 28.10
C ALA B 267 5.75 -15.85 28.41
N GLY B 268 6.81 -15.89 27.62
CA GLY B 268 7.97 -16.68 27.96
C GLY B 268 9.25 -16.16 27.30
N ILE B 269 10.36 -16.32 28.00
CA ILE B 269 11.70 -16.07 27.46
C ILE B 269 12.49 -17.39 27.56
N GLY B 270 13.08 -17.80 26.44
CA GLY B 270 13.90 -18.96 26.38
C GLY B 270 15.30 -18.59 25.91
N ARG B 271 16.28 -19.36 26.33
CA ARG B 271 17.68 -19.11 26.00
C ARG B 271 18.27 -20.26 25.21
N LYS B 272 18.85 -19.93 24.06
CA LYS B 272 19.48 -20.94 23.23
C LYS B 272 20.65 -21.44 24.03
N LYS B 273 20.69 -22.76 24.23
CA LYS B 273 21.80 -23.42 24.97
C LYS B 273 23.15 -22.96 24.46
N ALA B 274 24.09 -22.79 25.40
CA ALA B 274 25.37 -22.19 25.07
C ALA B 274 26.46 -23.11 25.60
S SO4 C . -12.83 -9.91 -26.43
O1 SO4 C . -12.10 -10.94 -25.68
O2 SO4 C . -13.84 -9.34 -25.53
O3 SO4 C . -11.95 -8.79 -26.86
O4 SO4 C . -13.46 -10.58 -27.60
S SO4 D . 7.92 -11.28 -17.42
O1 SO4 D . 9.35 -11.52 -17.47
O2 SO4 D . 7.53 -10.93 -16.05
O3 SO4 D . 7.64 -10.15 -18.29
O4 SO4 D . 7.18 -12.48 -17.85
S SO4 E . -10.40 0.89 -39.94
O1 SO4 E . -9.19 0.08 -39.77
O2 SO4 E . -11.11 0.97 -38.67
O3 SO4 E . -9.99 2.23 -40.41
O4 SO4 E . -11.26 0.26 -40.93
N SAM F . -3.56 8.47 -19.16
CA SAM F . -2.07 8.35 -19.41
C SAM F . -1.81 8.40 -20.91
O SAM F . -0.73 8.79 -21.33
OXT SAM F . -2.67 8.01 -21.70
CB SAM F . -1.39 7.06 -18.90
CG SAM F . -1.87 5.74 -19.54
SD SAM F . -1.23 4.21 -18.79
CE SAM F . -0.22 5.02 -17.52
C5' SAM F . -2.69 3.87 -17.78
C4' SAM F . -2.87 4.53 -16.40
O4' SAM F . -4.19 4.27 -15.93
C3' SAM F . -1.92 3.98 -15.32
O3' SAM F . -1.25 5.03 -14.65
C2' SAM F . -2.79 3.19 -14.36
O2' SAM F . -2.28 3.09 -13.02
C1' SAM F . -4.11 3.92 -14.53
N9 SAM F . -5.23 3.06 -14.16
C8 SAM F . -5.66 1.85 -14.72
N7 SAM F . -6.75 1.42 -14.04
C5 SAM F . -7.02 2.34 -13.07
C6 SAM F . -8.05 2.40 -12.11
N6 SAM F . -8.96 1.39 -12.03
N1 SAM F . -8.06 3.49 -11.26
C2 SAM F . -7.11 4.52 -11.34
N3 SAM F . -6.09 4.45 -12.28
C4 SAM F . -6.08 3.37 -13.13
C1 MPD G . -0.04 2.62 -25.61
C2 MPD G . -1.18 1.67 -25.95
O2 MPD G . -1.01 1.06 -27.25
CM MPD G . -1.06 0.52 -24.99
C3 MPD G . -2.51 2.41 -25.78
C4 MPD G . -2.88 3.43 -26.84
O4 MPD G . -2.76 2.93 -28.15
C5 MPD G . -4.33 3.90 -26.65
C1 MPD H . 1.38 -0.26 -19.85
C2 MPD H . 0.74 -1.13 -20.92
O2 MPD H . -0.44 -1.74 -20.33
CM MPD H . 0.36 -0.20 -22.05
C3 MPD H . 1.71 -2.18 -21.47
C4 MPD H . 1.68 -3.58 -20.90
O4 MPD H . 0.40 -4.18 -20.88
C5 MPD H . 2.59 -4.48 -21.75
C1 MPD I . 2.42 16.52 -12.14
C2 MPD I . 2.02 15.04 -12.16
O2 MPD I . 3.22 14.26 -11.86
CM MPD I . 0.95 14.71 -11.14
C3 MPD I . 1.53 14.70 -13.56
C4 MPD I . 0.89 13.31 -13.61
O4 MPD I . 0.37 13.11 -14.91
C5 MPD I . 1.90 12.21 -13.34
S SO4 J . -8.04 -23.90 17.52
O1 SO4 J . -8.05 -25.27 18.07
O2 SO4 J . -9.33 -23.29 17.83
O3 SO4 J . -6.96 -23.07 18.09
O4 SO4 J . -7.89 -23.89 16.06
S SO4 K . -2.85 -22.59 34.31
O1 SO4 K . -2.09 -22.75 35.53
O2 SO4 K . -4.27 -22.42 34.63
O3 SO4 K . -2.36 -21.40 33.61
O4 SO4 K . -2.70 -23.75 33.43
S SO4 L . 4.39 9.00 21.75
O1 SO4 L . 5.79 9.04 22.19
O2 SO4 L . 3.73 7.80 22.28
O3 SO4 L . 3.68 10.17 22.24
O4 SO4 L . 4.37 8.98 20.29
S SO4 M . -1.70 -3.99 6.71
O1 SO4 M . -0.98 -5.22 7.06
O2 SO4 M . -3.08 -4.11 7.23
O3 SO4 M . -1.07 -2.79 7.29
O4 SO4 M . -1.72 -3.87 5.25
S SO4 N . -17.08 -4.77 12.96
O1 SO4 N . -16.19 -4.60 14.13
O2 SO4 N . -18.04 -3.67 13.00
O3 SO4 N . -16.26 -4.66 11.76
O4 SO4 N . -17.77 -6.07 12.98
N SAM O . 4.93 -6.31 19.76
CA SAM O . 3.94 -5.23 20.17
C SAM O . 3.44 -5.46 21.59
O SAM O . 3.05 -4.53 22.31
OXT SAM O . 3.35 -6.59 22.02
CB SAM O . 2.69 -5.00 19.31
CG SAM O . 1.49 -5.94 19.51
SD SAM O . 0.17 -5.89 18.24
CE SAM O . 0.56 -4.20 17.74
C5' SAM O . 0.88 -6.99 16.98
C4' SAM O . 1.85 -6.41 15.94
O4' SAM O . 2.30 -7.49 15.13
C3' SAM O . 1.17 -5.41 15.00
O3' SAM O . 1.83 -4.16 14.98
C2' SAM O . 1.11 -6.09 13.64
O2' SAM O . 1.09 -5.17 12.55
C1' SAM O . 2.29 -7.03 13.77
N9 SAM O . 2.23 -8.20 12.85
C8 SAM O . 1.37 -9.28 12.83
N7 SAM O . 1.72 -10.12 11.83
C5 SAM O . 2.80 -9.56 11.22
C6 SAM O . 3.61 -9.97 10.16
N6 SAM O . 3.37 -11.10 9.48
N1 SAM O . 4.65 -9.15 9.83
C2 SAM O . 4.94 -7.99 10.50
N3 SAM O . 4.14 -7.60 11.52
C4 SAM O . 3.12 -8.38 11.87
C1 MPD P . -3.62 -8.03 23.96
C2 MPD P . -3.67 -9.51 23.72
O2 MPD P . -4.46 -10.14 24.74
CM MPD P . -4.40 -9.78 22.42
C3 MPD P . -2.26 -10.08 23.59
C4 MPD P . -1.77 -11.08 24.60
O4 MPD P . -1.97 -10.61 25.91
C5 MPD P . -0.28 -11.36 24.44
C1 MPD Q . -5.42 -7.89 19.77
C2 MPD Q . -5.76 -7.18 18.48
O2 MPD Q . -5.57 -8.09 17.37
CM MPD Q . -4.84 -5.98 18.26
C3 MPD Q . -7.20 -6.69 18.46
C4 MPD Q . -8.28 -7.76 18.38
O4 MPD Q . -8.16 -8.56 17.22
C5 MPD Q . -9.64 -7.04 18.31
C1 MPD R . 9.86 2.76 15.90
C2 MPD R . 9.18 3.46 17.08
O2 MPD R . 8.02 4.17 16.58
CM MPD R . 10.10 4.48 17.76
C3 MPD R . 8.73 2.39 18.10
C4 MPD R . 7.90 1.25 17.46
O4 MPD R . 6.75 1.83 16.83
C5 MPD R . 7.55 0.22 18.53
#